data_3MNL
#
_entry.id   3MNL
#
_cell.length_a   41.020
_cell.length_b   54.570
_cell.length_c   165.990
_cell.angle_alpha   90.00
_cell.angle_beta   90.00
_cell.angle_gamma   90.00
#
_symmetry.space_group_name_H-M   'P 21 21 21'
#
loop_
_entity.id
_entity.type
_entity.pdbx_description
1 polymer 'TRANSCRIPTIONAL REGULATORY PROTEIN (PROBABLY TETR-FAMILY)'
2 non-polymer 'TRIETHYLENE GLYCOL'
3 water water
#
_entity_poly.entity_id   1
_entity_poly.type   'polypeptide(L)'
_entity_poly.pdbx_seq_one_letter_code
;GSGAVAVLAESELGSEAQRERRKRILDATMAIASKGGYEAVQMRAVADRADVAVGTLYRYFPSKVHLLVSALGREFSRID
AKTDRSAVAGATPFQRLNFMVGKLNRAMQRNPLLTEAMTRAYVFADASAASEVDQVEKLIDSMFARAMANGEPTEDQYHI
ARVISDVWLSNLLAWLTRRASATDVSKRLDLAVRLLIGDQDSA
;
_entity_poly.pdbx_strand_id   A,B
#
loop_
_chem_comp.id
_chem_comp.type
_chem_comp.name
_chem_comp.formula
PGE non-polymer 'TRIETHYLENE GLYCOL' 'C6 H14 O4'
#
# COMPACT_ATOMS: atom_id res chain seq x y z
N LEU A 13 1.22 -6.59 -33.43
CA LEU A 13 0.23 -7.48 -32.81
C LEU A 13 -1.09 -6.76 -32.58
N GLY A 14 -2.19 -7.49 -32.74
CA GLY A 14 -3.54 -6.97 -32.54
C GLY A 14 -4.22 -6.46 -33.80
N SER A 15 -5.28 -5.66 -33.62
CA SER A 15 -6.08 -5.10 -34.72
C SER A 15 -6.90 -3.92 -34.22
N GLU A 16 -7.48 -3.15 -35.17
CA GLU A 16 -8.35 -2.01 -34.86
C GLU A 16 -9.60 -2.52 -34.14
N ALA A 17 -10.13 -3.70 -34.54
CA ALA A 17 -11.31 -4.32 -33.91
C ALA A 17 -11.01 -4.63 -32.43
N GLN A 18 -9.83 -5.21 -32.16
CA GLN A 18 -9.42 -5.53 -30.79
C GLN A 18 -9.21 -4.27 -29.92
N ARG A 19 -8.57 -3.22 -30.49
CA ARG A 19 -8.34 -1.96 -29.78
C ARG A 19 -9.66 -1.29 -29.44
N GLU A 20 -10.64 -1.34 -30.37
CA GLU A 20 -11.98 -0.79 -30.18
C GLU A 20 -12.71 -1.53 -29.06
N ARG A 21 -12.63 -2.89 -29.04
CA ARG A 21 -13.25 -3.73 -28.03
C ARG A 21 -12.66 -3.44 -26.66
N ARG A 22 -11.32 -3.40 -26.57
CA ARG A 22 -10.58 -3.10 -25.32
C ARG A 22 -10.99 -1.72 -24.79
N LYS A 23 -11.09 -0.70 -25.67
CA LYS A 23 -11.49 0.67 -25.28
C LYS A 23 -12.89 0.66 -24.67
N ARG A 24 -13.85 -0.03 -25.30
CA ARG A 24 -15.22 -0.11 -24.79
C ARG A 24 -15.30 -0.85 -23.46
N ILE A 25 -14.51 -1.93 -23.33
CA ILE A 25 -14.47 -2.77 -22.12
C ILE A 25 -13.99 -1.94 -20.94
N LEU A 26 -12.89 -1.21 -21.13
CA LEU A 26 -12.32 -0.39 -20.06
C LEU A 26 -13.20 0.81 -19.73
N ASP A 27 -13.84 1.42 -20.76
CA ASP A 27 -14.80 2.51 -20.54
C ASP A 27 -15.97 2.00 -19.68
N ALA A 28 -16.51 0.80 -20.03
CA ALA A 28 -17.63 0.18 -19.28
C ALA A 28 -17.21 -0.14 -17.85
N THR A 29 -15.98 -0.67 -17.67
CA THR A 29 -15.43 -1.03 -16.35
C THR A 29 -15.42 0.25 -15.48
N MET A 30 -14.91 1.35 -16.02
CA MET A 30 -14.81 2.63 -15.30
C MET A 30 -16.15 3.26 -15.01
N ALA A 31 -17.11 3.15 -15.96
CA ALA A 31 -18.47 3.67 -15.79
C ALA A 31 -19.17 2.93 -14.65
N ILE A 32 -19.05 1.59 -14.63
CA ILE A 32 -19.68 0.74 -13.61
C ILE A 32 -19.03 1.00 -12.23
N ALA A 33 -17.69 1.13 -12.19
CA ALA A 33 -17.01 1.38 -10.92
C ALA A 33 -17.34 2.78 -10.38
N SER A 34 -17.49 3.77 -11.29
CA SER A 34 -17.83 5.14 -10.87
C SER A 34 -19.22 5.20 -10.19
N LYS A 35 -20.17 4.41 -10.67
CA LYS A 35 -21.54 4.36 -10.14
C LYS A 35 -21.66 3.50 -8.88
N GLY A 36 -21.21 2.24 -8.96
CA GLY A 36 -21.37 1.30 -7.85
C GLY A 36 -20.14 0.73 -7.17
N GLY A 37 -18.97 1.29 -7.45
CA GLY A 37 -17.71 0.87 -6.83
C GLY A 37 -17.20 -0.50 -7.24
N TYR A 38 -16.16 -0.98 -6.53
CA TYR A 38 -15.50 -2.28 -6.76
C TYR A 38 -16.49 -3.43 -6.89
N GLU A 39 -17.47 -3.52 -5.96
CA GLU A 39 -18.45 -4.60 -5.93
C GLU A 39 -19.33 -4.70 -7.18
N ALA A 40 -19.62 -3.56 -7.83
CA ALA A 40 -20.44 -3.52 -9.03
C ALA A 40 -19.72 -4.06 -10.27
N VAL A 41 -18.37 -4.01 -10.27
CA VAL A 41 -17.56 -4.49 -11.40
C VAL A 41 -17.60 -6.02 -11.51
N GLN A 42 -18.46 -6.51 -12.39
CA GLN A 42 -18.63 -7.95 -12.61
C GLN A 42 -18.50 -8.24 -14.08
N MET A 43 -17.88 -9.39 -14.43
CA MET A 43 -17.63 -9.79 -15.82
C MET A 43 -18.85 -9.69 -16.73
N ARG A 44 -19.97 -10.34 -16.36
CA ARG A 44 -21.21 -10.32 -17.15
C ARG A 44 -21.73 -8.90 -17.40
N ALA A 45 -21.79 -8.05 -16.34
CA ALA A 45 -22.24 -6.66 -16.41
C ALA A 45 -21.35 -5.80 -17.31
N VAL A 46 -20.00 -5.99 -17.24
CA VAL A 46 -19.03 -5.25 -18.06
C VAL A 46 -19.20 -5.67 -19.53
N ALA A 47 -19.26 -6.99 -19.80
CA ALA A 47 -19.46 -7.56 -21.14
C ALA A 47 -20.71 -6.98 -21.80
N ASP A 48 -21.84 -6.96 -21.05
CA ASP A 48 -23.12 -6.43 -21.53
C ASP A 48 -23.05 -4.93 -21.84
N ARG A 49 -22.42 -4.12 -20.95
CA ARG A 49 -22.28 -2.67 -21.14
C ARG A 49 -21.37 -2.32 -22.33
N ALA A 50 -20.25 -3.06 -22.49
CA ALA A 50 -19.30 -2.85 -23.58
C ALA A 50 -19.73 -3.48 -24.93
N ASP A 51 -20.86 -4.23 -24.94
CA ASP A 51 -21.41 -4.93 -26.11
C ASP A 51 -20.34 -5.86 -26.74
N VAL A 52 -19.73 -6.69 -25.90
CA VAL A 52 -18.69 -7.65 -26.26
C VAL A 52 -19.11 -9.01 -25.67
N ALA A 53 -18.77 -10.12 -26.34
CA ALA A 53 -19.04 -11.49 -25.88
C ALA A 53 -18.25 -11.72 -24.59
N VAL A 54 -18.84 -12.45 -23.62
CA VAL A 54 -18.22 -12.74 -22.32
C VAL A 54 -16.88 -13.48 -22.49
N GLY A 55 -16.86 -14.46 -23.40
CA GLY A 55 -15.69 -15.26 -23.75
C GLY A 55 -14.56 -14.40 -24.30
N THR A 56 -14.91 -13.39 -25.13
CA THR A 56 -13.94 -12.43 -25.70
C THR A 56 -13.38 -11.57 -24.57
N LEU A 57 -14.25 -11.16 -23.62
CA LEU A 57 -13.86 -10.35 -22.48
C LEU A 57 -12.83 -11.11 -21.62
N TYR A 58 -13.12 -12.38 -21.28
CA TYR A 58 -12.22 -13.24 -20.50
C TYR A 58 -10.86 -13.43 -21.16
N ARG A 59 -10.82 -13.49 -22.52
CA ARG A 59 -9.59 -13.63 -23.31
C ARG A 59 -8.62 -12.47 -23.11
N TYR A 60 -9.13 -11.21 -23.14
CA TYR A 60 -8.30 -10.03 -22.95
C TYR A 60 -8.04 -9.77 -21.50
N PHE A 61 -9.08 -9.90 -20.65
CA PHE A 61 -9.01 -9.61 -19.22
C PHE A 61 -9.63 -10.79 -18.44
N PRO A 62 -8.81 -11.74 -17.92
CA PRO A 62 -9.37 -12.94 -17.26
C PRO A 62 -10.13 -12.78 -15.94
N SER A 63 -10.17 -11.57 -15.36
CA SER A 63 -10.87 -11.30 -14.10
C SER A 63 -11.14 -9.80 -13.91
N LYS A 64 -12.00 -9.45 -12.93
CA LYS A 64 -12.29 -8.04 -12.61
C LYS A 64 -11.03 -7.28 -12.15
N VAL A 65 -10.05 -7.99 -11.55
CA VAL A 65 -8.78 -7.41 -11.11
C VAL A 65 -8.01 -6.96 -12.37
N HIS A 66 -7.93 -7.83 -13.39
CA HIS A 66 -7.31 -7.49 -14.68
C HIS A 66 -7.99 -6.28 -15.32
N LEU A 67 -9.35 -6.22 -15.31
CA LEU A 67 -10.07 -5.07 -15.87
C LEU A 67 -9.68 -3.76 -15.16
N LEU A 68 -9.73 -3.78 -13.83
CA LEU A 68 -9.49 -2.58 -13.03
C LEU A 68 -8.05 -2.10 -13.06
N VAL A 69 -7.09 -3.04 -13.00
CA VAL A 69 -5.66 -2.66 -13.07
C VAL A 69 -5.38 -2.15 -14.50
N SER A 70 -5.92 -2.79 -15.55
CA SER A 70 -5.74 -2.28 -16.92
C SER A 70 -6.34 -0.86 -17.08
N ALA A 71 -7.53 -0.59 -16.47
CA ALA A 71 -8.17 0.75 -16.51
C ALA A 71 -7.25 1.80 -15.84
N LEU A 72 -6.59 1.41 -14.72
CA LEU A 72 -5.67 2.27 -13.98
C LEU A 72 -4.42 2.58 -14.81
N GLY A 73 -3.86 1.55 -15.46
CA GLY A 73 -2.71 1.73 -16.36
C GLY A 73 -3.05 2.67 -17.50
N ARG A 74 -4.25 2.52 -18.09
CA ARG A 74 -4.67 3.42 -19.16
C ARG A 74 -4.80 4.86 -18.65
N GLU A 75 -5.36 5.02 -17.45
CA GLU A 75 -5.50 6.35 -16.84
C GLU A 75 -4.14 7.02 -16.63
N PHE A 76 -3.15 6.28 -16.09
CA PHE A 76 -1.81 6.85 -15.91
C PHE A 76 -1.16 7.17 -17.25
N SER A 77 -1.35 6.28 -18.27
CA SER A 77 -0.83 6.51 -19.62
C SER A 77 -1.41 7.84 -20.21
N ARG A 78 -2.72 8.10 -19.98
CA ARG A 78 -3.38 9.32 -20.47
C ARG A 78 -2.89 10.58 -19.74
N ILE A 79 -2.72 10.50 -18.40
CA ILE A 79 -2.19 11.59 -17.59
C ILE A 79 -0.78 11.95 -18.11
N ASP A 80 0.07 10.93 -18.34
CA ASP A 80 1.42 11.10 -18.85
C ASP A 80 1.45 11.78 -20.24
N ALA A 81 0.60 11.31 -21.16
CA ALA A 81 0.52 11.84 -22.52
C ALA A 81 -0.09 13.25 -22.60
N LYS A 82 -1.08 13.56 -21.74
CA LYS A 82 -1.81 14.83 -21.78
C LYS A 82 -1.37 15.95 -20.84
N THR A 83 -0.48 15.67 -19.86
CA THR A 83 -0.02 16.69 -18.92
C THR A 83 0.89 17.69 -19.62
N ASP A 84 0.49 18.97 -19.60
CA ASP A 84 1.26 20.04 -20.23
C ASP A 84 2.45 20.36 -19.34
N ARG A 85 3.66 20.04 -19.82
CA ARG A 85 4.91 20.23 -19.08
C ARG A 85 5.56 21.60 -19.28
N SER A 86 4.95 22.44 -20.15
CA SER A 86 5.38 23.83 -20.35
C SER A 86 5.25 24.62 -19.03
N ALA A 87 4.26 24.27 -18.20
CA ALA A 87 4.00 24.91 -16.90
C ALA A 87 5.24 24.91 -15.99
N VAL A 88 6.10 23.88 -16.09
CA VAL A 88 7.33 23.77 -15.29
C VAL A 88 8.61 23.76 -16.17
N ALA A 89 8.53 24.41 -17.36
CA ALA A 89 9.67 24.49 -18.30
C ALA A 89 10.92 25.10 -17.65
N GLY A 90 10.76 26.06 -16.75
CA GLY A 90 11.90 26.70 -16.10
C GLY A 90 12.05 26.32 -14.64
N ALA A 91 11.32 25.30 -14.20
CA ALA A 91 11.29 24.87 -12.80
C ALA A 91 12.46 23.96 -12.38
N THR A 92 12.70 23.87 -11.06
CA THR A 92 13.77 23.02 -10.50
C THR A 92 13.25 21.57 -10.42
N PRO A 93 14.13 20.54 -10.22
CA PRO A 93 13.65 19.15 -10.08
C PRO A 93 12.65 18.99 -8.93
N PHE A 94 12.89 19.69 -7.80
CA PHE A 94 11.98 19.68 -6.67
C PHE A 94 10.60 20.17 -7.11
N GLN A 95 10.52 21.31 -7.87
CA GLN A 95 9.23 21.82 -8.33
C GLN A 95 8.55 20.90 -9.33
N ARG A 96 9.32 20.35 -10.29
CA ARG A 96 8.79 19.45 -11.32
C ARG A 96 8.22 18.18 -10.69
N LEU A 97 8.91 17.62 -9.69
CA LEU A 97 8.45 16.40 -8.98
C LEU A 97 7.19 16.69 -8.18
N ASN A 98 7.18 17.77 -7.38
CA ASN A 98 5.99 18.20 -6.65
C ASN A 98 4.81 18.48 -7.60
N PHE A 99 5.10 19.03 -8.82
CA PHE A 99 4.08 19.27 -9.85
C PHE A 99 3.41 17.97 -10.30
N MET A 100 4.22 16.96 -10.67
CA MET A 100 3.69 15.67 -11.13
C MET A 100 2.95 14.94 -10.01
N VAL A 101 3.49 14.99 -8.78
CA VAL A 101 2.87 14.38 -7.59
C VAL A 101 1.48 15.02 -7.38
N GLY A 102 1.43 16.34 -7.50
CA GLY A 102 0.21 17.13 -7.41
C GLY A 102 -0.80 16.78 -8.49
N LYS A 103 -0.33 16.61 -9.74
CA LYS A 103 -1.19 16.22 -10.89
C LYS A 103 -1.80 14.84 -10.72
N LEU A 104 -1.00 13.85 -10.28
CA LEU A 104 -1.52 12.50 -10.07
C LEU A 104 -2.54 12.48 -8.94
N ASN A 105 -2.26 13.22 -7.84
CA ASN A 105 -3.13 13.37 -6.67
C ASN A 105 -4.50 13.91 -7.06
N ARG A 106 -4.54 15.06 -7.76
CA ARG A 106 -5.79 15.69 -8.20
C ARG A 106 -6.61 14.79 -9.12
N ALA A 107 -5.93 14.04 -10.00
CA ALA A 107 -6.58 13.09 -10.90
C ALA A 107 -7.27 11.95 -10.12
N MET A 108 -6.60 11.41 -9.10
CA MET A 108 -7.15 10.33 -8.28
C MET A 108 -8.27 10.83 -7.37
N GLN A 109 -8.20 12.11 -6.97
CA GLN A 109 -9.20 12.66 -6.06
C GLN A 109 -10.51 13.05 -6.76
N ARG A 110 -10.49 13.17 -8.10
CA ARG A 110 -11.65 13.56 -8.91
C ARG A 110 -12.87 12.62 -8.79
N ASN A 111 -12.64 11.30 -8.81
CA ASN A 111 -13.72 10.35 -8.71
C ASN A 111 -13.40 9.31 -7.62
N PRO A 112 -13.73 9.58 -6.35
CA PRO A 112 -13.33 8.66 -5.27
C PRO A 112 -13.75 7.20 -5.39
N LEU A 113 -14.99 6.90 -5.80
CA LEU A 113 -15.46 5.52 -5.91
C LEU A 113 -14.71 4.76 -6.99
N LEU A 114 -14.45 5.43 -8.12
CA LEU A 114 -13.67 4.85 -9.22
C LEU A 114 -12.22 4.61 -8.77
N THR A 115 -11.60 5.61 -8.12
CA THR A 115 -10.22 5.46 -7.63
C THR A 115 -10.15 4.32 -6.64
N GLU A 116 -11.14 4.24 -5.73
CA GLU A 116 -11.18 3.17 -4.71
C GLU A 116 -11.19 1.77 -5.39
N ALA A 117 -12.01 1.61 -6.44
CA ALA A 117 -12.12 0.32 -7.15
C ALA A 117 -10.79 -0.06 -7.82
N MET A 118 -10.14 0.89 -8.52
CA MET A 118 -8.87 0.62 -9.20
C MET A 118 -7.75 0.34 -8.20
N THR A 119 -7.70 1.15 -7.12
CA THR A 119 -6.70 0.97 -6.06
C THR A 119 -6.86 -0.41 -5.38
N ARG A 120 -8.11 -0.81 -5.06
CA ARG A 120 -8.34 -2.12 -4.42
C ARG A 120 -7.82 -3.26 -5.30
N ALA A 121 -8.09 -3.20 -6.62
CA ALA A 121 -7.60 -4.19 -7.57
C ALA A 121 -6.07 -4.22 -7.61
N TYR A 122 -5.46 -3.05 -7.67
CA TYR A 122 -4.01 -2.89 -7.76
C TYR A 122 -3.28 -3.42 -6.52
N VAL A 123 -3.77 -3.06 -5.30
CA VAL A 123 -3.09 -3.46 -4.07
C VAL A 123 -3.06 -4.96 -3.83
N PHE A 124 -4.15 -5.66 -4.16
CA PHE A 124 -4.24 -7.11 -3.96
C PHE A 124 -4.20 -7.98 -5.23
N ALA A 125 -3.77 -7.42 -6.38
CA ALA A 125 -3.63 -8.15 -7.65
C ALA A 125 -2.67 -9.32 -7.50
N ASP A 126 -3.05 -10.51 -7.96
CA ASP A 126 -2.14 -11.66 -7.80
C ASP A 126 -1.08 -11.74 -8.91
N ALA A 127 -0.24 -12.80 -8.89
CA ALA A 127 0.82 -12.97 -9.89
C ALA A 127 0.29 -13.06 -11.32
N SER A 128 -0.97 -13.50 -11.50
CA SER A 128 -1.55 -13.62 -12.86
C SER A 128 -1.77 -12.25 -13.51
N ALA A 129 -1.71 -11.18 -12.71
CA ALA A 129 -1.86 -9.81 -13.18
C ALA A 129 -0.52 -9.04 -13.09
N ALA A 130 0.63 -9.75 -13.05
CA ALA A 130 1.96 -9.11 -12.95
C ALA A 130 2.25 -8.10 -14.07
N SER A 131 1.92 -8.44 -15.33
CA SER A 131 2.14 -7.55 -16.49
C SER A 131 1.38 -6.23 -16.32
N GLU A 132 0.10 -6.31 -15.90
CA GLU A 132 -0.77 -5.13 -15.68
C GLU A 132 -0.27 -4.27 -14.50
N VAL A 133 0.16 -4.89 -13.40
CA VAL A 133 0.69 -4.14 -12.24
C VAL A 133 2.03 -3.45 -12.62
N ASP A 134 2.93 -4.17 -13.34
CA ASP A 134 4.22 -3.63 -13.79
C ASP A 134 4.04 -2.43 -14.69
N GLN A 135 3.04 -2.47 -15.59
CA GLN A 135 2.72 -1.36 -16.49
C GLN A 135 2.35 -0.13 -15.66
N VAL A 136 1.51 -0.32 -14.61
CA VAL A 136 1.12 0.76 -13.71
C VAL A 136 2.34 1.31 -12.98
N GLU A 137 3.13 0.42 -12.35
CA GLU A 137 4.34 0.81 -11.59
C GLU A 137 5.38 1.53 -12.43
N LYS A 138 5.66 1.00 -13.64
CA LYS A 138 6.62 1.61 -14.55
C LYS A 138 6.16 2.99 -15.00
N LEU A 139 4.83 3.16 -15.28
CA LEU A 139 4.30 4.46 -15.69
C LEU A 139 4.46 5.50 -14.60
N ILE A 140 4.02 5.22 -13.35
CA ILE A 140 4.15 6.20 -12.26
CA ILE A 140 4.16 6.20 -12.23
C ILE A 140 5.63 6.52 -12.01
N ASP A 141 6.49 5.47 -11.96
CA ASP A 141 7.93 5.64 -11.73
C ASP A 141 8.55 6.48 -12.83
N SER A 142 8.18 6.24 -14.11
CA SER A 142 8.67 6.99 -15.25
C SER A 142 8.29 8.45 -15.14
N MET A 143 7.03 8.75 -14.75
CA MET A 143 6.58 10.14 -14.60
C MET A 143 7.39 10.91 -13.54
N PHE A 144 7.63 10.28 -12.38
CA PHE A 144 8.41 10.91 -11.32
C PHE A 144 9.89 11.02 -11.69
N ALA A 145 10.46 9.95 -12.26
CA ALA A 145 11.87 9.94 -12.65
C ALA A 145 12.14 11.02 -13.71
N ARG A 146 11.26 11.12 -14.74
CA ARG A 146 11.41 12.15 -15.79
C ARG A 146 11.24 13.59 -15.24
N ALA A 147 10.39 13.76 -14.21
CA ALA A 147 10.19 15.08 -13.59
C ALA A 147 11.47 15.53 -12.87
N MET A 148 12.13 14.61 -12.14
CA MET A 148 13.38 14.89 -11.41
C MET A 148 14.52 15.15 -12.37
N ALA A 149 14.48 14.54 -13.56
CA ALA A 149 15.55 14.65 -14.54
C ALA A 149 15.36 15.83 -15.47
N GLY A 151 13.54 14.99 -18.39
CA GLY A 151 14.50 14.45 -19.36
C GLY A 151 14.78 12.99 -19.12
N GLU A 152 15.91 12.47 -19.66
CA GLU A 152 16.34 11.07 -19.51
C GLU A 152 16.93 10.81 -18.11
N PRO A 153 16.23 10.03 -17.27
CA PRO A 153 16.70 9.84 -15.89
C PRO A 153 17.85 8.87 -15.68
N THR A 154 18.51 8.99 -14.52
CA THR A 154 19.55 8.07 -14.08
C THR A 154 18.88 6.90 -13.34
N GLU A 155 19.63 5.81 -13.11
CA GLU A 155 19.15 4.65 -12.34
C GLU A 155 18.73 5.11 -10.93
N ASP A 156 19.52 6.02 -10.31
CA ASP A 156 19.19 6.56 -8.99
C ASP A 156 17.86 7.29 -9.00
N GLN A 157 17.58 8.05 -10.08
CA GLN A 157 16.31 8.78 -10.19
C GLN A 157 15.14 7.81 -10.29
N TYR A 158 15.32 6.67 -10.98
CA TYR A 158 14.30 5.62 -11.03
C TYR A 158 14.09 4.99 -9.63
N HIS A 159 15.19 4.81 -8.86
CA HIS A 159 15.10 4.22 -7.51
C HIS A 159 14.34 5.19 -6.59
N ILE A 160 14.65 6.49 -6.71
CA ILE A 160 13.98 7.55 -5.94
C ILE A 160 12.49 7.56 -6.29
N ALA A 161 12.18 7.49 -7.61
CA ALA A 161 10.81 7.46 -8.12
C ALA A 161 9.99 6.33 -7.49
N ARG A 162 10.59 5.14 -7.37
CA ARG A 162 9.93 3.97 -6.78
C ARG A 162 9.55 4.27 -5.34
N VAL A 163 10.48 4.89 -4.58
CA VAL A 163 10.20 5.24 -3.18
C VAL A 163 9.04 6.24 -3.11
N ILE A 164 9.07 7.29 -3.95
CA ILE A 164 7.99 8.29 -3.98
C ILE A 164 6.66 7.63 -4.30
N SER A 165 6.66 6.69 -5.26
CA SER A 165 5.43 5.96 -5.62
C SER A 165 4.90 5.17 -4.42
N ASP A 166 5.79 4.53 -3.62
CA ASP A 166 5.39 3.80 -2.40
C ASP A 166 4.73 4.74 -1.38
N VAL A 167 5.34 5.92 -1.16
CA VAL A 167 4.79 6.94 -0.24
C VAL A 167 3.44 7.43 -0.80
N TRP A 168 3.38 7.68 -2.12
CA TRP A 168 2.14 8.13 -2.76
C TRP A 168 1.02 7.11 -2.55
N LEU A 169 1.30 5.81 -2.76
CA LEU A 169 0.31 4.74 -2.59
C LEU A 169 -0.21 4.67 -1.15
N SER A 170 0.71 4.70 -0.18
CA SER A 170 0.34 4.65 1.24
C SER A 170 -0.59 5.81 1.62
N ASN A 171 -0.30 7.02 1.12
CA ASN A 171 -1.11 8.20 1.41
C ASN A 171 -2.44 8.16 0.69
N LEU A 172 -2.45 7.59 -0.53
CA LEU A 172 -3.71 7.44 -1.28
C LEU A 172 -4.66 6.50 -0.51
N LEU A 173 -4.12 5.43 0.06
CA LEU A 173 -4.92 4.47 0.83
C LEU A 173 -5.52 5.17 2.08
N ALA A 174 -4.72 5.98 2.79
CA ALA A 174 -5.18 6.74 3.97
C ALA A 174 -6.27 7.76 3.59
N TRP A 175 -6.14 8.39 2.41
CA TRP A 175 -7.10 9.37 1.91
C TRP A 175 -8.43 8.70 1.51
N LEU A 176 -8.36 7.56 0.80
CA LEU A 176 -9.55 6.82 0.37
C LEU A 176 -10.39 6.34 1.53
N THR A 177 -9.74 5.97 2.65
CA THR A 177 -10.45 5.45 3.82
C THR A 177 -10.82 6.53 4.85
N ARG A 178 -10.60 7.82 4.49
CA ARG A 178 -10.89 8.97 5.35
C ARG A 178 -10.03 9.06 6.63
N ARG A 179 -8.88 8.37 6.64
CA ARG A 179 -7.93 8.43 7.76
C ARG A 179 -6.99 9.62 7.62
N ALA A 180 -6.85 10.19 6.41
CA ALA A 180 -6.02 11.36 6.16
C ALA A 180 -6.74 12.32 5.22
N SER A 181 -6.65 13.63 5.51
CA SER A 181 -7.24 14.66 4.66
C SER A 181 -6.30 14.89 3.47
N ALA A 182 -6.78 15.57 2.41
CA ALA A 182 -5.97 15.93 1.25
C ALA A 182 -4.74 16.77 1.72
N THR A 183 -4.95 17.62 2.75
CA THR A 183 -3.90 18.45 3.36
C THR A 183 -2.82 17.56 3.99
N ASP A 184 -3.25 16.56 4.80
CA ASP A 184 -2.35 15.57 5.44
C ASP A 184 -1.49 14.88 4.37
N VAL A 185 -2.12 14.41 3.27
CA VAL A 185 -1.47 13.71 2.14
C VAL A 185 -0.38 14.58 1.51
N SER A 186 -0.74 15.83 1.13
CA SER A 186 0.19 16.78 0.53
C SER A 186 1.42 17.05 1.41
N LYS A 187 1.21 17.23 2.73
CA LYS A 187 2.29 17.48 3.70
C LYS A 187 3.25 16.28 3.77
N ARG A 188 2.68 15.07 3.82
CA ARG A 188 3.46 13.82 3.89
C ARG A 188 4.27 13.60 2.62
N LEU A 189 3.69 13.87 1.44
CA LEU A 189 4.42 13.73 0.18
C LEU A 189 5.52 14.77 0.05
N ASP A 190 5.25 16.01 0.47
CA ASP A 190 6.23 17.09 0.47
C ASP A 190 7.43 16.69 1.34
N LEU A 191 7.18 16.11 2.53
CA LEU A 191 8.24 15.65 3.45
C LEU A 191 9.12 14.57 2.81
N ALA A 192 8.49 13.54 2.19
CA ALA A 192 9.23 12.45 1.54
C ALA A 192 10.13 12.98 0.41
N VAL A 193 9.62 13.89 -0.42
CA VAL A 193 10.36 14.49 -1.54
C VAL A 193 11.58 15.25 -0.98
N ARG A 194 11.38 16.04 0.09
CA ARG A 194 12.46 16.79 0.75
C ARG A 194 13.52 15.82 1.30
N LEU A 195 13.10 14.71 1.93
CA LEU A 195 14.05 13.74 2.50
C LEU A 195 14.88 13.02 1.43
N LEU A 196 14.34 12.91 0.22
CA LEU A 196 15.01 12.21 -0.87
C LEU A 196 15.83 13.12 -1.78
N ILE A 197 15.32 14.33 -2.10
CA ILE A 197 15.94 15.27 -3.05
C ILE A 197 15.85 16.76 -2.62
N GLY A 198 15.62 17.02 -1.33
CA GLY A 198 15.48 18.38 -0.79
C GLY A 198 16.52 19.38 -1.22
N ASP A 199 17.77 18.90 -1.43
CA ASP A 199 18.90 19.71 -1.86
C ASP A 199 18.88 20.03 -3.38
N GLN A 200 17.79 19.65 -4.10
CA GLN A 200 17.61 19.87 -5.54
C GLN A 200 16.58 20.98 -5.88
N ASP A 201 16.65 22.12 -5.17
CA ASP A 201 15.80 23.29 -5.37
C ASP A 201 16.62 24.58 -5.37
N SER B 15 -6.90 -3.56 34.02
CA SER B 15 -6.90 -4.54 35.09
C SER B 15 -6.42 -5.93 34.62
N GLU B 16 -6.30 -6.89 35.55
CA GLU B 16 -5.85 -8.27 35.30
C GLU B 16 -6.79 -9.04 34.35
N ALA B 17 -8.07 -9.18 34.75
CA ALA B 17 -9.12 -9.87 34.00
C ALA B 17 -9.32 -9.27 32.61
N GLN B 18 -9.24 -7.92 32.49
CA GLN B 18 -9.37 -7.19 31.24
C GLN B 18 -8.20 -7.53 30.30
N ARG B 19 -6.95 -7.55 30.83
CA ARG B 19 -5.74 -7.88 30.07
C ARG B 19 -5.79 -9.32 29.59
N GLU B 20 -6.30 -10.24 30.44
CA GLU B 20 -6.44 -11.66 30.11
C GLU B 20 -7.50 -11.85 29.04
N ARG B 21 -8.63 -11.11 29.14
CA ARG B 21 -9.73 -11.16 28.16
C ARG B 21 -9.24 -10.68 26.79
N ARG B 22 -8.51 -9.54 26.73
CA ARG B 22 -7.96 -9.01 25.47
C ARG B 22 -6.97 -10.00 24.86
N LYS B 23 -6.10 -10.60 25.71
CA LYS B 23 -5.13 -11.60 25.25
C LYS B 23 -5.84 -12.80 24.59
N ARG B 24 -6.87 -13.36 25.26
CA ARG B 24 -7.61 -14.51 24.74
C ARG B 24 -8.29 -14.16 23.42
N ILE B 25 -8.89 -12.95 23.32
CA ILE B 25 -9.53 -12.47 22.09
C ILE B 25 -8.52 -12.41 20.95
N LEU B 26 -7.34 -11.79 21.20
CA LEU B 26 -6.31 -11.69 20.17
C LEU B 26 -5.71 -13.06 19.79
N ASP B 27 -5.52 -13.97 20.77
CA ASP B 27 -5.02 -15.33 20.51
C ASP B 27 -6.00 -16.09 19.57
N ALA B 28 -7.31 -15.99 19.85
CA ALA B 28 -8.36 -16.63 19.05
C ALA B 28 -8.37 -16.06 17.61
N THR B 29 -8.20 -14.74 17.48
CA THR B 29 -8.13 -14.04 16.19
C THR B 29 -6.99 -14.62 15.34
N MET B 30 -5.80 -14.75 15.96
CA MET B 30 -4.59 -15.26 15.30
CA MET B 30 -4.64 -15.23 15.23
C MET B 30 -4.75 -16.71 14.87
N ALA B 31 -5.38 -17.53 15.74
CA ALA B 31 -5.57 -18.95 15.45
C ALA B 31 -6.49 -19.13 14.24
N ILE B 32 -7.59 -18.37 14.21
CA ILE B 32 -8.57 -18.42 13.13
C ILE B 32 -7.96 -17.91 11.82
N ALA B 33 -7.28 -16.74 11.86
CA ALA B 33 -6.62 -16.14 10.70
C ALA B 33 -5.55 -17.06 10.11
N SER B 34 -4.81 -17.77 10.97
CA SER B 34 -3.76 -18.69 10.53
C SER B 34 -4.36 -19.87 9.74
N LYS B 35 -5.60 -20.27 10.07
CA LYS B 35 -6.34 -21.36 9.43
C LYS B 35 -6.95 -20.99 8.07
N GLY B 36 -7.67 -19.87 8.00
CA GLY B 36 -8.35 -19.48 6.77
C GLY B 36 -8.21 -18.06 6.27
N GLY B 37 -7.24 -17.30 6.80
CA GLY B 37 -7.03 -15.92 6.37
C GLY B 37 -8.11 -14.94 6.81
N TYR B 38 -8.19 -13.80 6.12
CA TYR B 38 -9.10 -12.69 6.41
C TYR B 38 -10.57 -13.11 6.49
N GLU B 39 -11.05 -13.87 5.50
CA GLU B 39 -12.46 -14.30 5.43
C GLU B 39 -12.91 -15.15 6.61
N ALA B 40 -12.03 -16.01 7.14
CA ALA B 40 -12.34 -16.87 8.28
C ALA B 40 -12.55 -16.09 9.58
N VAL B 41 -11.93 -14.90 9.70
CA VAL B 41 -12.04 -14.09 10.92
C VAL B 41 -13.42 -13.44 10.97
N GLN B 42 -14.29 -13.90 11.89
CA GLN B 42 -15.63 -13.34 12.07
C GLN B 42 -15.85 -13.12 13.57
N MET B 43 -16.61 -12.06 13.94
CA MET B 43 -16.85 -11.68 15.34
C MET B 43 -17.37 -12.77 16.27
N ARG B 44 -18.48 -13.45 15.89
CA ARG B 44 -19.06 -14.53 16.72
C ARG B 44 -18.06 -15.68 16.96
N ALA B 45 -17.37 -16.13 15.91
CA ALA B 45 -16.37 -17.21 15.95
C ALA B 45 -15.19 -16.89 16.89
N VAL B 46 -14.68 -15.63 16.84
CA VAL B 46 -13.59 -15.16 17.71
C VAL B 46 -14.06 -15.19 19.18
N ALA B 47 -15.22 -14.56 19.49
CA ALA B 47 -15.81 -14.50 20.84
C ALA B 47 -16.00 -15.90 21.44
N ASP B 48 -16.57 -16.86 20.67
CA ASP B 48 -16.79 -18.23 21.14
C ASP B 48 -15.45 -18.91 21.46
N ARG B 49 -14.46 -18.80 20.56
CA ARG B 49 -13.13 -19.40 20.74
C ARG B 49 -12.39 -18.82 21.96
N ALA B 50 -12.53 -17.51 22.20
CA ALA B 50 -11.86 -16.78 23.30
C ALA B 50 -12.58 -16.95 24.63
N ASP B 51 -13.80 -17.52 24.61
CA ASP B 51 -14.65 -17.74 25.78
C ASP B 51 -15.00 -16.41 26.49
N VAL B 52 -15.35 -15.41 25.67
CA VAL B 52 -15.80 -14.09 26.12
C VAL B 52 -17.19 -13.84 25.55
N ALA B 53 -17.98 -12.98 26.20
CA ALA B 53 -19.30 -12.59 25.70
C ALA B 53 -19.04 -11.68 24.49
N VAL B 54 -19.93 -11.73 23.49
CA VAL B 54 -19.83 -10.91 22.26
C VAL B 54 -19.70 -9.41 22.61
N GLY B 55 -20.37 -9.00 23.70
CA GLY B 55 -20.36 -7.64 24.22
C GLY B 55 -19.00 -7.20 24.72
N THR B 56 -18.28 -8.11 25.43
CA THR B 56 -16.92 -7.90 25.94
C THR B 56 -15.97 -7.71 24.74
N LEU B 57 -16.19 -8.52 23.67
CA LEU B 57 -15.43 -8.48 22.43
C LEU B 57 -15.63 -7.11 21.75
N TYR B 58 -16.88 -6.65 21.64
CA TYR B 58 -17.19 -5.35 21.03
C TYR B 58 -16.67 -4.15 21.81
N ARG B 59 -16.60 -4.26 23.16
CA ARG B 59 -16.10 -3.20 24.05
C ARG B 59 -14.66 -2.79 23.66
N TYR B 60 -13.78 -3.77 23.48
CA TYR B 60 -12.37 -3.54 23.14
C TYR B 60 -12.10 -3.44 21.66
N PHE B 61 -12.83 -4.24 20.85
CA PHE B 61 -12.64 -4.26 19.39
C PHE B 61 -14.01 -4.08 18.71
N PRO B 62 -14.37 -2.82 18.36
CA PRO B 62 -15.70 -2.55 17.77
C PRO B 62 -16.05 -3.25 16.44
N SER B 63 -15.04 -3.77 15.71
CA SER B 63 -15.24 -4.47 14.42
C SER B 63 -14.10 -5.44 14.14
N LYS B 64 -14.28 -6.35 13.14
CA LYS B 64 -13.24 -7.31 12.75
C LYS B 64 -11.99 -6.61 12.23
N VAL B 65 -12.15 -5.39 11.67
CA VAL B 65 -11.04 -4.57 11.20
C VAL B 65 -10.23 -4.09 12.45
N HIS B 66 -10.90 -3.56 13.50
CA HIS B 66 -10.26 -3.12 14.75
C HIS B 66 -9.51 -4.29 15.39
N LEU B 67 -10.12 -5.48 15.33
CA LEU B 67 -9.60 -6.73 15.87
C LEU B 67 -8.29 -7.12 15.17
N LEU B 68 -8.30 -7.15 13.83
CA LEU B 68 -7.11 -7.53 13.07
C LEU B 68 -5.99 -6.49 13.14
N VAL B 69 -6.34 -5.20 13.11
CA VAL B 69 -5.33 -4.14 13.24
C VAL B 69 -4.70 -4.19 14.67
N SER B 70 -5.51 -4.46 15.71
CA SER B 70 -4.98 -4.59 17.07
C SER B 70 -4.07 -5.82 17.18
N ALA B 71 -4.42 -6.91 16.47
CA ALA B 71 -3.62 -8.15 16.45
C ALA B 71 -2.26 -7.80 15.82
N LEU B 72 -2.28 -7.01 14.74
CA LEU B 72 -1.07 -6.54 14.04
C LEU B 72 -0.18 -5.73 14.99
N GLY B 73 -0.80 -4.84 15.78
CA GLY B 73 -0.09 -4.03 16.77
C GLY B 73 0.58 -4.89 17.83
N ARG B 74 -0.09 -5.96 18.29
CA ARG B 74 0.52 -6.87 19.26
C ARG B 74 1.73 -7.60 18.65
N GLU B 75 1.63 -8.02 17.37
CA GLU B 75 2.75 -8.65 16.66
C GLU B 75 3.94 -7.72 16.63
N PHE B 76 3.73 -6.46 16.21
CA PHE B 76 4.81 -5.47 16.16
C PHE B 76 5.39 -5.21 17.54
N SER B 77 4.53 -5.09 18.57
CA SER B 77 4.95 -4.89 19.96
C SER B 77 5.85 -6.05 20.44
N ARG B 78 5.47 -7.30 20.14
CA ARG B 78 6.24 -8.48 20.53
C ARG B 78 7.56 -8.57 19.79
N ILE B 79 7.58 -8.21 18.48
CA ILE B 79 8.84 -8.17 17.69
C ILE B 79 9.78 -7.13 18.33
N ASP B 80 9.22 -5.95 18.67
CA ASP B 80 9.95 -4.85 19.31
C ASP B 80 10.54 -5.26 20.66
N ALA B 81 9.77 -6.02 21.46
CA ALA B 81 10.18 -6.52 22.79
C ALA B 81 11.40 -7.44 22.72
N LYS B 82 11.47 -8.27 21.66
CA LYS B 82 12.55 -9.22 21.42
C LYS B 82 13.66 -8.61 20.60
N ARG B 85 18.47 -5.30 21.36
CA ARG B 85 19.29 -4.19 20.85
C ARG B 85 20.77 -4.35 21.18
N SER B 86 21.09 -4.84 22.40
CA SER B 86 22.45 -5.06 22.91
C SER B 86 23.40 -5.72 21.89
N ALA B 87 22.88 -6.70 21.13
CA ALA B 87 23.63 -7.44 20.12
C ALA B 87 24.07 -6.61 18.88
N VAL B 88 23.41 -5.46 18.60
CA VAL B 88 23.71 -4.62 17.43
C VAL B 88 24.40 -3.26 17.70
N ALA B 89 24.90 -3.04 18.94
CA ALA B 89 25.58 -1.80 19.36
C ALA B 89 26.74 -1.40 18.44
N GLY B 90 27.64 -2.36 18.18
CA GLY B 90 28.82 -2.18 17.33
C GLY B 90 28.53 -1.79 15.90
N ALA B 91 27.36 -2.22 15.37
CA ALA B 91 26.92 -1.95 14.00
C ALA B 91 26.56 -0.48 13.78
N THR B 92 26.66 -0.02 12.52
CA THR B 92 26.35 1.36 12.09
C THR B 92 24.81 1.59 12.04
N PRO B 93 24.30 2.86 11.99
CA PRO B 93 22.84 3.05 11.83
C PRO B 93 22.27 2.36 10.60
N PHE B 94 23.05 2.33 9.50
CA PHE B 94 22.67 1.68 8.25
C PHE B 94 22.48 0.16 8.44
N GLN B 95 23.42 -0.50 9.13
CA GLN B 95 23.37 -1.95 9.41
C GLN B 95 22.24 -2.30 10.39
N ARG B 96 22.01 -1.48 11.43
CA ARG B 96 20.95 -1.72 12.43
C ARG B 96 19.58 -1.62 11.78
N LEU B 97 19.41 -0.63 10.89
CA LEU B 97 18.15 -0.43 10.18
C LEU B 97 17.90 -1.61 9.24
N ASN B 98 18.94 -2.07 8.49
CA ASN B 98 18.79 -3.24 7.62
C ASN B 98 18.50 -4.51 8.42
N PHE B 99 19.07 -4.65 9.63
CA PHE B 99 18.80 -5.80 10.50
C PHE B 99 17.33 -5.77 10.95
N MET B 100 16.82 -4.58 11.37
CA MET B 100 15.43 -4.41 11.80
C MET B 100 14.48 -4.73 10.64
N VAL B 101 14.81 -4.26 9.42
CA VAL B 101 14.00 -4.52 8.24
C VAL B 101 13.90 -6.05 8.00
N GLY B 102 15.06 -6.72 8.05
CA GLY B 102 15.19 -8.17 7.91
C GLY B 102 14.34 -8.96 8.90
N LYS B 103 14.32 -8.53 10.19
CA LYS B 103 13.53 -9.18 11.24
C LYS B 103 12.03 -9.05 10.95
N LEU B 104 11.58 -7.84 10.56
CA LEU B 104 10.18 -7.59 10.23
C LEU B 104 9.76 -8.36 8.99
N ASN B 105 10.64 -8.41 7.96
CA ASN B 105 10.41 -9.19 6.74
C ASN B 105 10.21 -10.67 7.05
N ARG B 106 11.15 -11.30 7.78
CA ARG B 106 11.07 -12.71 8.14
C ARG B 106 9.79 -13.04 8.93
N ALA B 107 9.44 -12.18 9.91
CA ALA B 107 8.27 -12.37 10.76
C ALA B 107 6.97 -12.44 9.97
N MET B 108 6.82 -11.56 8.97
CA MET B 108 5.62 -11.52 8.15
C MET B 108 5.57 -12.64 7.11
N GLN B 109 6.73 -13.15 6.71
CA GLN B 109 6.83 -14.22 5.72
C GLN B 109 6.56 -15.63 6.26
N ARG B 110 6.66 -15.84 7.59
CA ARG B 110 6.49 -17.16 8.23
C ARG B 110 5.09 -17.74 8.11
N ASN B 111 4.06 -16.90 8.20
CA ASN B 111 2.69 -17.37 8.16
C ASN B 111 1.89 -16.54 7.16
N PRO B 112 1.95 -16.89 5.84
CA PRO B 112 1.28 -16.05 4.83
C PRO B 112 -0.19 -15.73 5.05
N LEU B 113 -1.00 -16.72 5.50
CA LEU B 113 -2.44 -16.53 5.73
C LEU B 113 -2.69 -15.51 6.85
N LEU B 114 -1.92 -15.62 7.95
CA LEU B 114 -2.03 -14.67 9.07
C LEU B 114 -1.64 -13.26 8.62
N THR B 115 -0.52 -13.15 7.91
CA THR B 115 -0.04 -11.86 7.37
C THR B 115 -1.09 -11.25 6.41
N GLU B 116 -1.64 -12.06 5.50
CA GLU B 116 -2.70 -11.64 4.55
C GLU B 116 -3.89 -11.04 5.31
N ALA B 117 -4.35 -11.72 6.38
CA ALA B 117 -5.48 -11.27 7.19
C ALA B 117 -5.22 -9.89 7.83
N MET B 118 -4.04 -9.75 8.47
CA MET B 118 -3.68 -8.48 9.11
C MET B 118 -3.42 -7.37 8.13
N THR B 119 -2.76 -7.68 7.00
CA THR B 119 -2.48 -6.68 5.95
C THR B 119 -3.79 -6.19 5.32
N ARG B 120 -4.71 -7.11 4.99
CA ARG B 120 -5.99 -6.71 4.39
C ARG B 120 -6.76 -5.76 5.31
N ALA B 121 -6.78 -6.04 6.65
CA ALA B 121 -7.46 -5.16 7.60
C ALA B 121 -6.80 -3.79 7.68
N TYR B 122 -5.46 -3.78 7.70
CA TYR B 122 -4.67 -2.56 7.82
C TYR B 122 -4.88 -1.64 6.60
N VAL B 123 -4.80 -2.20 5.39
CA VAL B 123 -4.87 -1.45 4.13
C VAL B 123 -6.23 -0.76 3.92
N PHE B 124 -7.31 -1.49 4.18
CA PHE B 124 -8.67 -0.99 3.99
C PHE B 124 -9.39 -0.53 5.28
N ALA B 125 -8.64 -0.33 6.41
CA ALA B 125 -9.22 0.17 7.66
C ALA B 125 -9.79 1.57 7.45
N ASP B 126 -11.03 1.80 7.89
CA ASP B 126 -11.68 3.09 7.72
C ASP B 126 -11.34 4.06 8.87
N ALA B 127 -11.93 5.27 8.83
CA ALA B 127 -11.75 6.33 9.83
C ALA B 127 -12.09 5.88 11.26
N SER B 128 -13.02 4.92 11.42
CA SER B 128 -13.41 4.44 12.75
C SER B 128 -12.31 3.63 13.44
N ALA B 129 -11.38 3.07 12.64
CA ALA B 129 -10.23 2.30 13.16
C ALA B 129 -8.95 3.13 13.05
N ALA B 130 -9.08 4.47 12.85
CA ALA B 130 -7.93 5.37 12.69
C ALA B 130 -6.94 5.34 13.86
N SER B 131 -7.47 5.27 15.10
CA SER B 131 -6.71 5.21 16.35
C SER B 131 -5.81 3.98 16.36
N GLU B 132 -6.38 2.80 16.03
CA GLU B 132 -5.67 1.51 15.98
C GLU B 132 -4.62 1.54 14.87
N VAL B 133 -4.98 2.09 13.69
CA VAL B 133 -4.02 2.19 12.56
C VAL B 133 -2.86 3.09 12.94
N ASP B 134 -3.16 4.28 13.52
CA ASP B 134 -2.16 5.24 13.95
C ASP B 134 -1.17 4.62 14.94
N GLN B 135 -1.68 3.82 15.89
CA GLN B 135 -0.84 3.14 16.89
C GLN B 135 0.08 2.11 16.23
N VAL B 136 -0.44 1.36 15.22
CA VAL B 136 0.35 0.38 14.47
C VAL B 136 1.45 1.10 13.71
N GLU B 137 1.11 2.23 13.06
CA GLU B 137 2.08 3.00 12.30
C GLU B 137 3.15 3.57 13.19
N LYS B 138 2.77 4.05 14.37
CA LYS B 138 3.75 4.58 15.31
C LYS B 138 4.70 3.50 15.79
N LEU B 139 4.20 2.27 15.97
CA LEU B 139 4.99 1.13 16.45
C LEU B 139 6.09 0.77 15.43
N ILE B 140 5.69 0.55 14.17
CA ILE B 140 6.67 0.23 13.14
C ILE B 140 7.66 1.39 12.90
N ASP B 141 7.15 2.64 12.84
CA ASP B 141 8.01 3.82 12.65
C ASP B 141 9.02 3.92 13.77
N SER B 142 8.57 3.70 15.02
CA SER B 142 9.49 3.79 16.15
C SER B 142 10.58 2.71 16.09
N MET B 143 10.24 1.48 15.62
CA MET B 143 11.23 0.40 15.47
C MET B 143 12.34 0.81 14.48
N PHE B 144 11.96 1.42 13.34
CA PHE B 144 12.94 1.89 12.36
C PHE B 144 13.72 3.12 12.87
N ALA B 145 13.00 4.10 13.45
CA ALA B 145 13.61 5.34 13.97
C ALA B 145 14.61 5.00 15.08
N ARG B 146 14.26 4.06 15.97
CA ARG B 146 15.18 3.67 17.05
C ARG B 146 16.40 2.93 16.54
N ALA B 147 16.24 2.16 15.44
CA ALA B 147 17.36 1.42 14.85
C ALA B 147 18.43 2.36 14.32
N MET B 148 18.03 3.52 13.75
CA MET B 148 19.01 4.47 13.23
C MET B 148 19.63 5.39 14.30
N ALA B 149 19.03 5.42 15.50
CA ALA B 149 19.49 6.26 16.60
C ALA B 149 20.18 5.49 17.72
N ASN B 150 20.78 6.24 18.65
CA ASN B 150 21.34 5.74 19.89
C ASN B 150 20.55 6.53 20.93
N GLY B 151 19.58 5.87 21.53
CA GLY B 151 18.68 6.53 22.45
C GLY B 151 17.46 7.04 21.71
N GLU B 152 16.79 8.08 22.26
CA GLU B 152 15.57 8.60 21.67
C GLU B 152 15.78 9.21 20.27
N PRO B 153 14.99 8.84 19.24
CA PRO B 153 15.20 9.43 17.91
C PRO B 153 14.75 10.89 17.79
N THR B 154 15.29 11.59 16.79
CA THR B 154 14.91 12.97 16.44
C THR B 154 13.64 12.92 15.56
N GLU B 155 12.96 14.07 15.40
CA GLU B 155 11.80 14.18 14.50
C GLU B 155 12.19 13.77 13.08
N ASP B 156 13.41 14.19 12.61
CA ASP B 156 13.91 13.81 11.27
C ASP B 156 13.98 12.29 11.10
N GLN B 157 14.43 11.58 12.16
CA GLN B 157 14.50 10.12 12.15
C GLN B 157 13.13 9.46 12.10
N TYR B 158 12.12 10.03 12.82
CA TYR B 158 10.74 9.51 12.71
C TYR B 158 10.19 9.77 11.29
N HIS B 159 10.54 10.92 10.68
CA HIS B 159 10.06 11.19 9.31
C HIS B 159 10.65 10.19 8.32
N ILE B 160 11.95 9.87 8.48
CA ILE B 160 12.63 8.91 7.62
C ILE B 160 11.98 7.54 7.79
N ALA B 161 11.71 7.18 9.06
CA ALA B 161 11.12 5.89 9.40
C ALA B 161 9.76 5.71 8.72
N ARG B 162 8.93 6.79 8.65
CA ARG B 162 7.61 6.74 8.00
C ARG B 162 7.78 6.38 6.52
N VAL B 163 8.80 6.95 5.85
CA VAL B 163 9.03 6.65 4.42
C VAL B 163 9.43 5.16 4.31
N ILE B 164 10.34 4.69 5.19
CA ILE B 164 10.74 3.28 5.19
C ILE B 164 9.52 2.35 5.40
N SER B 165 8.62 2.72 6.32
CA SER B 165 7.40 1.95 6.59
C SER B 165 6.52 1.88 5.32
N ASP B 166 6.41 3.00 4.58
CA ASP B 166 5.65 2.99 3.32
C ASP B 166 6.28 2.02 2.29
N VAL B 167 7.62 2.05 2.17
CA VAL B 167 8.34 1.16 1.24
C VAL B 167 8.11 -0.30 1.67
N TRP B 168 8.24 -0.54 2.97
CA TRP B 168 8.04 -1.88 3.55
C TRP B 168 6.63 -2.41 3.24
N LEU B 169 5.59 -1.60 3.42
CA LEU B 169 4.20 -2.01 3.14
C LEU B 169 4.02 -2.34 1.65
N SER B 170 4.54 -1.49 0.75
CA SER B 170 4.43 -1.76 -0.68
C SER B 170 5.09 -3.08 -1.09
N ASN B 171 6.27 -3.37 -0.53
CA ASN B 171 6.99 -4.61 -0.80
C ASN B 171 6.30 -5.81 -0.20
N LEU B 172 5.68 -5.64 1.00
CA LEU B 172 4.91 -6.71 1.65
C LEU B 172 3.70 -7.11 0.76
N LEU B 173 2.99 -6.13 0.19
CA LEU B 173 1.86 -6.39 -0.70
C LEU B 173 2.35 -7.15 -1.96
N ALA B 174 3.50 -6.76 -2.53
CA ALA B 174 4.06 -7.46 -3.69
C ALA B 174 4.45 -8.89 -3.35
N TRP B 175 5.02 -9.10 -2.14
CA TRP B 175 5.43 -10.42 -1.70
C TRP B 175 4.21 -11.33 -1.49
N LEU B 176 3.17 -10.82 -0.79
CA LEU B 176 1.95 -11.58 -0.48
C LEU B 176 1.22 -12.12 -1.71
N THR B 177 1.27 -11.35 -2.79
CA THR B 177 0.59 -11.64 -4.04
C THR B 177 1.47 -12.44 -5.01
N ARG B 178 2.69 -12.83 -4.56
CA ARG B 178 3.67 -13.61 -5.34
C ARG B 178 4.22 -12.85 -6.56
N ARG B 179 4.27 -11.52 -6.46
CA ARG B 179 4.79 -10.62 -7.50
C ARG B 179 6.24 -10.20 -7.24
N ALA B 180 6.75 -10.48 -6.03
CA ALA B 180 8.12 -10.21 -5.61
C ALA B 180 8.61 -11.32 -4.72
N SER B 181 9.84 -11.76 -4.92
CA SER B 181 10.45 -12.79 -4.07
C SER B 181 10.95 -12.10 -2.78
N ALA B 182 11.32 -12.89 -1.76
CA ALA B 182 11.89 -12.40 -0.50
C ALA B 182 13.19 -11.63 -0.78
N THR B 183 14.00 -12.12 -1.76
CA THR B 183 15.24 -11.46 -2.20
C THR B 183 14.93 -10.08 -2.80
N ASP B 184 13.92 -9.99 -3.71
CA ASP B 184 13.47 -8.72 -4.31
C ASP B 184 13.11 -7.70 -3.22
N VAL B 185 12.31 -8.13 -2.21
CA VAL B 185 11.89 -7.29 -1.09
C VAL B 185 13.12 -6.75 -0.34
N SER B 186 14.09 -7.62 -0.01
CA SER B 186 15.32 -7.24 0.70
C SER B 186 16.09 -6.16 -0.05
N LYS B 187 16.28 -6.35 -1.36
CA LYS B 187 17.02 -5.43 -2.24
C LYS B 187 16.35 -4.07 -2.32
N ARG B 188 15.00 -4.04 -2.46
CA ARG B 188 14.24 -2.80 -2.54
C ARG B 188 14.32 -1.99 -1.24
N LEU B 189 14.28 -2.67 -0.09
CA LEU B 189 14.36 -1.97 1.18
C LEU B 189 15.78 -1.47 1.40
N ASP B 190 16.77 -2.26 0.98
CA ASP B 190 18.19 -1.87 1.05
C ASP B 190 18.39 -0.55 0.26
N LEU B 191 17.84 -0.48 -0.97
CA LEU B 191 17.90 0.69 -1.84
C LEU B 191 17.27 1.91 -1.18
N ALA B 192 16.03 1.75 -0.64
CA ALA B 192 15.34 2.86 0.04
C ALA B 192 16.14 3.38 1.23
N VAL B 193 16.70 2.46 2.04
CA VAL B 193 17.53 2.85 3.21
C VAL B 193 18.74 3.65 2.74
N ARG B 194 19.44 3.16 1.68
CA ARG B 194 20.62 3.82 1.09
C ARG B 194 20.28 5.23 0.60
N LEU B 195 19.11 5.40 -0.03
CA LEU B 195 18.66 6.70 -0.56
C LEU B 195 18.33 7.72 0.52
N LEU B 196 17.89 7.23 1.70
CA LEU B 196 17.47 8.10 2.78
C LEU B 196 18.55 8.45 3.77
N ILE B 197 19.44 7.49 4.10
CA ILE B 197 20.50 7.73 5.10
C ILE B 197 21.93 7.50 4.63
N GLY B 198 22.11 6.67 3.60
CA GLY B 198 23.42 6.35 3.05
C GLY B 198 24.13 5.24 3.80
O2 PGE C . -15.97 6.62 -1.08
C3 PGE C . -14.77 6.38 -1.80
C4 PGE C . -13.59 6.97 -1.10
O4 PGE C . -12.21 11.27 0.49
C6 PGE C . -13.14 10.23 0.52
C5 PGE C . -12.72 9.04 -0.24
O3 PGE C . -13.85 8.28 -0.61
O2 PGE D . -1.78 6.12 6.90
C3 PGE D . -0.66 6.43 6.10
C4 PGE D . -0.12 7.74 6.48
O4 PGE D . 3.97 8.92 4.28
C6 PGE D . 2.96 8.01 4.91
C5 PGE D . 1.95 8.69 5.76
O3 PGE D . 0.65 8.23 5.40
C1 PGE E . 2.47 -15.38 0.13
O1 PGE E . 1.06 -15.30 0.01
C2 PGE E . 3.04 -16.34 -0.83
O2 PGE E . 4.45 -16.35 -0.73
C3 PGE E . 5.01 -17.65 -0.55
#